data_2FK5
#
_entry.id   2FK5
#
_cell.length_a   100.944
_cell.length_b   100.944
_cell.length_c   45.870
_cell.angle_alpha   90.00
_cell.angle_beta   90.00
_cell.angle_gamma   90.00
#
_symmetry.space_group_name_H-M   'P 4'
#
loop_
_entity.id
_entity.type
_entity.pdbx_description
1 polymer 'fuculose-1-phosphate aldolase'
2 non-polymer 'SULFATE ION'
3 non-polymer 'CHLORIDE ION'
4 water water
#
_entity_poly.entity_id   1
_entity_poly.type   'polypeptide(L)'
_entity_poly.pdbx_seq_one_letter_code
;MRARLYAAFRQVGEDLFAQGLISATAGNFSVRTKGGFLITKSGVQKARLTPEDLLEVPLEGPIPEGASVESVVHREVYRR
TGARALVHAHPRVAVALSFHLSRLRPLDLEGQHYLKEVPVLAPKTVSATEEAALSVAEALREHRACLLRGHGAFAVGLKE
APEEALLEAYGLMTTLEESAQILLYHRLWQGAGPALGGGE
;
_entity_poly.pdbx_strand_id   A,B
#
loop_
_chem_comp.id
_chem_comp.type
_chem_comp.name
_chem_comp.formula
CL non-polymer 'CHLORIDE ION' 'Cl -1'
SO4 non-polymer 'SULFATE ION' 'O4 S -2'
#
# COMPACT_ATOMS: atom_id res chain seq x y z
N ARG A 2 -3.50 4.84 18.00
CA ARG A 2 -4.15 3.64 17.41
C ARG A 2 -5.48 3.28 18.06
N ALA A 3 -5.51 3.14 19.39
CA ALA A 3 -6.74 2.79 20.08
C ALA A 3 -7.93 3.64 19.63
N ARG A 4 -7.70 4.96 19.58
CA ARG A 4 -8.74 5.88 19.17
C ARG A 4 -9.20 5.62 17.73
N LEU A 5 -8.26 5.36 16.83
CA LEU A 5 -8.60 5.08 15.44
C LEU A 5 -9.33 3.75 15.38
N TYR A 6 -8.87 2.77 16.16
CA TYR A 6 -9.55 1.48 16.18
C TYR A 6 -10.99 1.70 16.63
N ALA A 7 -11.15 2.56 17.63
CA ALA A 7 -12.45 2.86 18.19
C ALA A 7 -13.37 3.39 17.09
N ALA A 8 -12.84 4.30 16.28
CA ALA A 8 -13.62 4.88 15.19
C ALA A 8 -14.07 3.81 14.21
N PHE A 9 -13.20 2.86 13.87
CA PHE A 9 -13.56 1.77 12.96
C PHE A 9 -14.63 0.91 13.63
N ARG A 10 -14.40 0.61 14.90
CA ARG A 10 -15.33 -0.22 15.65
C ARG A 10 -16.71 0.42 15.71
N GLN A 11 -16.74 1.70 16.03
CA GLN A 11 -17.98 2.44 16.14
C GLN A 11 -18.71 2.56 14.81
N VAL A 12 -17.96 2.83 13.74
CA VAL A 12 -18.57 2.95 12.42
C VAL A 12 -19.20 1.64 12.03
N GLY A 13 -18.50 0.53 12.30
CA GLY A 13 -19.04 -0.78 11.98
C GLY A 13 -20.31 -1.07 12.81
N GLU A 14 -20.25 -0.81 14.11
CA GLU A 14 -21.41 -1.04 14.97
C GLU A 14 -22.62 -0.20 14.56
N ASP A 15 -22.38 1.06 14.24
CA ASP A 15 -23.46 1.94 13.87
C ASP A 15 -24.05 1.65 12.50
N LEU A 16 -23.21 1.28 11.53
CA LEU A 16 -23.71 0.95 10.19
C LEU A 16 -24.59 -0.29 10.30
N PHE A 17 -24.13 -1.26 11.09
CA PHE A 17 -24.89 -2.50 11.29
C PHE A 17 -26.23 -2.21 11.94
N ALA A 18 -26.19 -1.47 13.05
CA ALA A 18 -27.40 -1.12 13.80
C ALA A 18 -28.43 -0.42 12.93
N GLN A 19 -27.96 0.35 11.94
CA GLN A 19 -28.86 1.11 11.06
C GLN A 19 -29.28 0.32 9.83
N GLY A 20 -28.82 -0.92 9.73
CA GLY A 20 -29.18 -1.75 8.60
C GLY A 20 -28.46 -1.47 7.29
N LEU A 21 -27.33 -0.75 7.36
CA LEU A 21 -26.56 -0.42 6.16
C LEU A 21 -25.57 -1.52 5.79
N ILE A 22 -25.32 -2.41 6.75
CA ILE A 22 -24.44 -3.55 6.52
C ILE A 22 -24.89 -4.67 7.45
N SER A 23 -24.46 -5.88 7.12
CA SER A 23 -24.77 -7.07 7.90
C SER A 23 -23.72 -8.12 7.53
N ALA A 24 -23.57 -9.12 8.38
CA ALA A 24 -22.59 -10.18 8.14
C ALA A 24 -21.25 -9.57 7.74
N THR A 25 -20.73 -9.98 6.58
CA THR A 25 -19.44 -9.48 6.11
C THR A 25 -19.57 -8.50 4.95
N ALA A 26 -20.71 -7.84 4.85
CA ALA A 26 -20.92 -6.89 3.76
C ALA A 26 -20.27 -5.54 4.08
N GLY A 27 -19.74 -4.90 3.05
CA GLY A 27 -19.12 -3.60 3.21
C GLY A 27 -17.69 -3.58 3.73
N ASN A 28 -17.07 -2.41 3.68
CA ASN A 28 -15.71 -2.25 4.16
C ASN A 28 -15.39 -0.78 4.27
N PHE A 29 -14.42 -0.44 5.11
CA PHE A 29 -14.03 0.95 5.24
C PHE A 29 -12.56 1.08 5.51
N SER A 30 -12.04 2.26 5.19
CA SER A 30 -10.62 2.51 5.35
C SER A 30 -10.33 3.98 5.59
N VAL A 31 -9.08 4.25 5.96
CA VAL A 31 -8.61 5.61 6.17
C VAL A 31 -7.23 5.70 5.53
N ARG A 32 -6.89 6.88 5.03
CA ARG A 32 -5.59 7.11 4.40
C ARG A 32 -4.57 7.21 5.52
N THR A 33 -3.40 6.62 5.31
CA THR A 33 -2.31 6.67 6.28
C THR A 33 -1.04 7.09 5.54
N LYS A 34 0.02 7.36 6.29
CA LYS A 34 1.28 7.76 5.67
C LYS A 34 1.78 6.68 4.72
N GLY A 35 1.58 5.42 5.09
CA GLY A 35 2.02 4.32 4.25
C GLY A 35 1.13 3.95 3.08
N GLY A 36 -0.14 4.31 3.17
CA GLY A 36 -1.09 3.99 2.10
C GLY A 36 -2.47 4.13 2.72
N PHE A 37 -3.06 3.01 3.15
CA PHE A 37 -4.36 3.03 3.81
C PHE A 37 -4.61 1.80 4.69
N LEU A 38 -5.43 2.01 5.73
CA LEU A 38 -5.78 0.97 6.68
C LEU A 38 -7.21 0.56 6.34
N ILE A 39 -7.44 -0.73 6.11
CA ILE A 39 -8.76 -1.19 5.73
C ILE A 39 -9.14 -2.48 6.45
N THR A 40 -10.44 -2.73 6.52
CA THR A 40 -10.98 -3.93 7.15
C THR A 40 -10.61 -5.16 6.32
N LYS A 41 -10.35 -6.28 6.99
CA LYS A 41 -10.00 -7.51 6.30
C LYS A 41 -11.21 -8.15 5.63
N SER A 42 -10.95 -9.09 4.74
CA SER A 42 -12.01 -9.78 4.03
C SER A 42 -12.74 -10.75 4.96
N GLY A 43 -14.05 -10.88 4.76
CA GLY A 43 -14.85 -11.81 5.54
C GLY A 43 -15.03 -11.62 7.04
N VAL A 44 -14.67 -10.47 7.58
CA VAL A 44 -14.85 -10.24 9.01
C VAL A 44 -16.22 -9.61 9.26
N GLN A 45 -16.71 -9.75 10.48
CA GLN A 45 -18.00 -9.18 10.87
C GLN A 45 -17.69 -7.73 11.26
N LYS A 46 -18.01 -6.80 10.37
CA LYS A 46 -17.72 -5.39 10.64
C LYS A 46 -18.41 -4.81 11.86
N ALA A 47 -19.58 -5.33 12.19
CA ALA A 47 -20.32 -4.84 13.35
C ALA A 47 -19.59 -5.20 14.63
N ARG A 48 -18.63 -6.11 14.50
CA ARG A 48 -17.87 -6.56 15.67
C ARG A 48 -16.37 -6.62 15.37
N LEU A 49 -15.81 -5.51 14.89
CA LEU A 49 -14.40 -5.45 14.55
C LEU A 49 -13.46 -5.48 15.74
N THR A 50 -12.28 -6.05 15.51
CA THR A 50 -11.20 -6.16 16.49
C THR A 50 -9.97 -5.61 15.77
N PRO A 51 -9.01 -5.05 16.52
CA PRO A 51 -7.80 -4.49 15.89
C PRO A 51 -7.14 -5.41 14.86
N GLU A 52 -7.11 -6.71 15.13
CA GLU A 52 -6.49 -7.65 14.20
C GLU A 52 -7.30 -7.78 12.91
N ASP A 53 -8.48 -7.16 12.88
CA ASP A 53 -9.34 -7.21 11.72
C ASP A 53 -9.01 -6.13 10.70
N LEU A 54 -8.00 -5.30 11.00
CA LEU A 54 -7.60 -4.24 10.09
C LEU A 54 -6.17 -4.47 9.61
N LEU A 55 -5.89 -4.06 8.38
CA LEU A 55 -4.54 -4.19 7.82
C LEU A 55 -4.17 -3.00 6.94
N GLU A 56 -2.89 -2.70 6.85
CA GLU A 56 -2.45 -1.58 6.03
C GLU A 56 -2.08 -2.06 4.63
N VAL A 57 -2.45 -1.26 3.64
CA VAL A 57 -2.17 -1.61 2.25
C VAL A 57 -1.44 -0.44 1.60
N PRO A 58 -0.37 -0.73 0.84
CA PRO A 58 0.36 0.38 0.20
C PRO A 58 -0.34 0.78 -1.10
N LEU A 59 -0.14 2.01 -1.54
CA LEU A 59 -0.75 2.46 -2.79
C LEU A 59 -0.01 1.81 -3.94
N GLU A 60 1.27 1.51 -3.72
CA GLU A 60 2.09 0.86 -4.75
C GLU A 60 2.68 -0.41 -4.16
N GLY A 61 2.46 -1.52 -4.84
CA GLY A 61 2.98 -2.78 -4.36
C GLY A 61 1.86 -3.81 -4.26
N PRO A 62 2.17 -5.04 -3.83
CA PRO A 62 1.17 -6.10 -3.70
C PRO A 62 0.14 -5.82 -2.62
N ILE A 63 -1.13 -6.11 -2.92
CA ILE A 63 -2.17 -5.92 -1.92
C ILE A 63 -2.06 -7.14 -1.02
N PRO A 64 -1.77 -6.92 0.28
CA PRO A 64 -1.63 -8.00 1.26
C PRO A 64 -2.77 -9.00 1.20
N GLU A 65 -2.47 -10.27 1.43
CA GLU A 65 -3.49 -11.29 1.42
C GLU A 65 -4.36 -11.05 2.66
N GLY A 66 -5.65 -11.31 2.53
CA GLY A 66 -6.55 -11.11 3.65
C GLY A 66 -7.23 -9.76 3.65
N ALA A 67 -6.75 -8.85 2.80
CA ALA A 67 -7.37 -7.52 2.74
C ALA A 67 -8.73 -7.58 2.07
N SER A 68 -9.59 -6.62 2.40
CA SER A 68 -10.93 -6.54 1.82
C SER A 68 -10.86 -6.79 0.31
N VAL A 69 -11.84 -7.50 -0.22
CA VAL A 69 -11.88 -7.80 -1.65
C VAL A 69 -12.03 -6.51 -2.48
N GLU A 70 -12.46 -5.43 -1.85
CA GLU A 70 -12.63 -4.15 -2.54
C GLU A 70 -11.42 -3.26 -2.38
N SER A 71 -10.33 -3.80 -1.84
CA SER A 71 -9.14 -2.99 -1.62
C SER A 71 -8.65 -2.32 -2.89
N VAL A 72 -8.86 -2.95 -4.05
CA VAL A 72 -8.41 -2.36 -5.31
C VAL A 72 -9.13 -1.03 -5.55
N VAL A 73 -10.40 -1.00 -5.17
CA VAL A 73 -11.20 0.21 -5.35
C VAL A 73 -10.74 1.29 -4.39
N HIS A 74 -10.56 0.92 -3.12
CA HIS A 74 -10.12 1.90 -2.13
C HIS A 74 -8.77 2.47 -2.56
N ARG A 75 -7.86 1.59 -2.96
CA ARG A 75 -6.54 2.03 -3.38
C ARG A 75 -6.60 3.04 -4.52
N GLU A 76 -7.42 2.75 -5.52
CA GLU A 76 -7.55 3.64 -6.67
C GLU A 76 -8.12 4.99 -6.25
N VAL A 77 -9.09 4.98 -5.33
CA VAL A 77 -9.68 6.22 -4.86
C VAL A 77 -8.62 7.08 -4.18
N TYR A 78 -7.78 6.45 -3.36
CA TYR A 78 -6.74 7.20 -2.68
C TYR A 78 -5.68 7.69 -3.66
N ARG A 79 -5.41 6.89 -4.68
CA ARG A 79 -4.43 7.28 -5.70
C ARG A 79 -4.89 8.50 -6.48
N ARG A 80 -6.13 8.46 -6.96
CA ARG A 80 -6.69 9.52 -7.77
C ARG A 80 -7.40 10.69 -7.10
N THR A 81 -7.70 10.58 -5.82
CA THR A 81 -8.41 11.67 -5.13
C THR A 81 -7.70 12.06 -3.84
N GLY A 82 -8.24 13.09 -3.18
CA GLY A 82 -7.68 13.54 -1.92
C GLY A 82 -8.42 12.92 -0.75
N ALA A 83 -9.15 11.84 -1.01
CA ALA A 83 -9.91 11.18 0.04
C ALA A 83 -9.03 10.83 1.23
N ARG A 84 -9.55 11.04 2.43
CA ARG A 84 -8.84 10.71 3.66
C ARG A 84 -9.46 9.48 4.33
N ALA A 85 -10.65 9.10 3.86
CA ALA A 85 -11.33 7.93 4.39
C ALA A 85 -12.39 7.49 3.37
N LEU A 86 -12.71 6.21 3.37
CA LEU A 86 -13.72 5.70 2.45
C LEU A 86 -14.62 4.66 3.12
N VAL A 87 -15.92 4.77 2.89
CA VAL A 87 -16.86 3.79 3.45
C VAL A 87 -17.65 3.20 2.30
N HIS A 88 -17.67 1.87 2.22
CA HIS A 88 -18.44 1.18 1.21
C HIS A 88 -19.51 0.42 2.00
N ALA A 89 -20.76 0.69 1.70
CA ALA A 89 -21.86 0.04 2.40
C ALA A 89 -22.94 -0.36 1.42
N HIS A 90 -24.00 -0.95 1.93
CA HIS A 90 -25.09 -1.41 1.08
C HIS A 90 -26.44 -0.90 1.52
N PRO A 91 -26.65 0.41 1.41
CA PRO A 91 -27.93 1.03 1.79
C PRO A 91 -29.00 0.43 0.89
N ARG A 92 -29.90 -0.36 1.48
CA ARG A 92 -30.93 -1.06 0.72
C ARG A 92 -31.84 -0.23 -0.15
N VAL A 93 -32.43 0.83 0.39
CA VAL A 93 -33.33 1.62 -0.44
C VAL A 93 -32.55 2.35 -1.55
N ALA A 94 -31.38 2.88 -1.23
CA ALA A 94 -30.56 3.56 -2.25
C ALA A 94 -30.19 2.59 -3.36
N VAL A 95 -29.88 1.35 -3.01
CA VAL A 95 -29.51 0.37 -4.01
C VAL A 95 -30.72 0.02 -4.88
N ALA A 96 -31.90 -0.07 -4.27
CA ALA A 96 -33.10 -0.36 -5.05
C ALA A 96 -33.34 0.79 -6.01
N LEU A 97 -33.17 2.02 -5.54
CA LEU A 97 -33.37 3.16 -6.43
C LEU A 97 -32.30 3.26 -7.50
N SER A 98 -31.12 2.71 -7.23
CA SER A 98 -30.03 2.77 -8.20
C SER A 98 -30.37 2.10 -9.54
N PHE A 99 -31.30 1.14 -9.52
CA PHE A 99 -31.68 0.48 -10.78
C PHE A 99 -32.55 1.40 -11.62
N HIS A 100 -33.18 2.36 -10.95
CA HIS A 100 -34.12 3.29 -11.59
C HIS A 100 -33.64 4.70 -11.86
N LEU A 101 -32.45 5.06 -11.37
CA LEU A 101 -31.95 6.43 -11.56
C LEU A 101 -30.54 6.45 -12.12
N SER A 102 -30.18 7.54 -12.79
CA SER A 102 -28.83 7.71 -13.31
C SER A 102 -28.09 8.57 -12.29
N ARG A 103 -28.85 9.22 -11.42
CA ARG A 103 -28.30 10.07 -10.36
C ARG A 103 -29.36 10.25 -9.28
N LEU A 104 -28.95 10.23 -8.01
CA LEU A 104 -29.91 10.40 -6.94
C LEU A 104 -29.81 11.83 -6.42
N ARG A 105 -30.91 12.57 -6.50
CA ARG A 105 -30.93 13.95 -6.03
C ARG A 105 -31.82 14.07 -4.80
N PRO A 106 -31.22 14.24 -3.62
CA PRO A 106 -32.00 14.35 -2.37
C PRO A 106 -33.02 15.47 -2.37
N LEU A 107 -34.14 15.22 -1.68
CA LEU A 107 -35.20 16.22 -1.54
C LEU A 107 -35.01 16.97 -0.22
N ASP A 108 -34.35 16.31 0.74
CA ASP A 108 -34.16 16.90 2.07
C ASP A 108 -32.92 17.79 2.16
N LEU A 109 -32.98 18.79 3.03
CA LEU A 109 -31.87 19.72 3.19
C LEU A 109 -30.53 19.07 3.52
N GLU A 110 -30.51 18.15 4.49
CA GLU A 110 -29.27 17.49 4.85
C GLU A 110 -28.63 16.81 3.63
N GLY A 111 -29.44 16.09 2.89
CA GLY A 111 -28.94 15.40 1.70
C GLY A 111 -28.47 16.37 0.63
N GLN A 112 -29.21 17.45 0.42
CA GLN A 112 -28.81 18.41 -0.60
C GLN A 112 -27.52 19.10 -0.21
N HIS A 113 -27.34 19.36 1.08
CA HIS A 113 -26.15 20.03 1.55
C HIS A 113 -24.88 19.17 1.53
N TYR A 114 -24.97 17.96 2.07
CA TYR A 114 -23.81 17.07 2.16
C TYR A 114 -23.52 16.26 0.90
N LEU A 115 -24.56 15.84 0.20
CA LEU A 115 -24.37 15.00 -0.98
C LEU A 115 -24.51 15.75 -2.30
N LYS A 116 -25.46 16.68 -2.33
CA LYS A 116 -25.74 17.47 -3.53
C LYS A 116 -26.39 16.58 -4.59
N GLU A 117 -25.57 15.73 -5.20
CA GLU A 117 -26.07 14.81 -6.22
C GLU A 117 -25.23 13.54 -6.14
N VAL A 118 -25.87 12.39 -6.18
CA VAL A 118 -25.13 11.13 -6.11
C VAL A 118 -25.22 10.39 -7.43
N PRO A 119 -24.13 10.36 -8.20
CA PRO A 119 -24.19 9.65 -9.47
C PRO A 119 -24.31 8.14 -9.31
N VAL A 120 -25.01 7.52 -10.23
CA VAL A 120 -25.15 6.07 -10.22
C VAL A 120 -24.26 5.54 -11.35
N LEU A 121 -23.30 4.69 -11.01
CA LEU A 121 -22.39 4.10 -11.99
C LEU A 121 -22.89 2.71 -12.32
N ALA A 122 -22.83 2.32 -13.59
CA ALA A 122 -23.29 0.99 -13.98
C ALA A 122 -22.26 0.25 -14.83
N PRO A 123 -21.06 0.00 -14.29
CA PRO A 123 -20.02 -0.71 -15.04
C PRO A 123 -20.32 -2.19 -15.19
N LYS A 124 -19.63 -2.85 -16.13
CA LYS A 124 -19.82 -4.28 -16.35
C LYS A 124 -19.70 -5.02 -15.02
N THR A 125 -18.65 -4.67 -14.26
CA THR A 125 -18.41 -5.26 -12.95
C THR A 125 -18.39 -4.14 -11.92
N VAL A 126 -18.76 -4.45 -10.69
CA VAL A 126 -18.80 -3.45 -9.64
C VAL A 126 -18.09 -3.86 -8.34
N SER A 127 -17.52 -5.05 -8.31
CA SER A 127 -16.84 -5.51 -7.11
C SER A 127 -15.45 -6.10 -7.39
N ALA A 128 -14.46 -5.64 -6.63
CA ALA A 128 -13.08 -6.11 -6.74
C ALA A 128 -12.51 -5.95 -8.14
N THR A 129 -13.17 -5.14 -8.96
CA THR A 129 -12.70 -4.94 -10.32
C THR A 129 -12.15 -3.56 -10.57
N GLU A 130 -11.14 -3.47 -11.44
CA GLU A 130 -10.53 -2.20 -11.78
C GLU A 130 -11.57 -1.38 -12.54
N GLU A 131 -12.60 -2.06 -13.05
CA GLU A 131 -13.69 -1.40 -13.77
C GLU A 131 -14.30 -0.48 -12.73
N ALA A 132 -14.81 -1.12 -11.68
CA ALA A 132 -15.43 -0.39 -10.58
C ALA A 132 -14.38 0.54 -10.01
N ALA A 133 -13.17 0.03 -9.80
CA ALA A 133 -12.09 0.82 -9.24
C ALA A 133 -11.90 2.13 -9.96
N LEU A 134 -11.74 2.07 -11.27
CA LEU A 134 -11.53 3.28 -12.06
C LEU A 134 -12.74 4.21 -12.08
N SER A 135 -13.92 3.64 -12.35
CA SER A 135 -15.16 4.43 -12.40
C SER A 135 -15.43 5.13 -11.06
N VAL A 136 -15.35 4.35 -9.99
CA VAL A 136 -15.58 4.88 -8.64
C VAL A 136 -14.59 5.99 -8.31
N ALA A 137 -13.30 5.73 -8.53
CA ALA A 137 -12.29 6.73 -8.23
C ALA A 137 -12.52 8.01 -9.02
N GLU A 138 -12.75 7.87 -10.33
CA GLU A 138 -12.98 9.06 -11.14
C GLU A 138 -14.21 9.80 -10.64
N ALA A 139 -15.26 9.06 -10.27
CA ALA A 139 -16.47 9.69 -9.78
C ALA A 139 -16.23 10.45 -8.48
N LEU A 140 -15.49 9.85 -7.55
CA LEU A 140 -15.25 10.50 -6.28
C LEU A 140 -14.30 11.70 -6.37
N ARG A 141 -13.76 11.95 -7.55
CA ARG A 141 -12.89 13.11 -7.73
C ARG A 141 -13.78 14.36 -7.72
N GLU A 142 -15.02 14.20 -8.16
CA GLU A 142 -15.96 15.33 -8.24
C GLU A 142 -17.17 15.24 -7.30
N HIS A 143 -17.42 14.06 -6.74
CA HIS A 143 -18.55 13.89 -5.84
C HIS A 143 -18.10 13.25 -4.53
N ARG A 144 -18.80 13.54 -3.44
CA ARG A 144 -18.49 12.99 -2.12
C ARG A 144 -18.98 11.56 -1.95
N ALA A 145 -19.91 11.13 -2.81
CA ALA A 145 -20.43 9.79 -2.75
C ALA A 145 -20.97 9.33 -4.09
N CYS A 146 -21.01 8.02 -4.29
CA CYS A 146 -21.55 7.50 -5.53
C CYS A 146 -22.20 6.16 -5.29
N LEU A 147 -23.08 5.78 -6.20
CA LEU A 147 -23.79 4.51 -6.13
C LEU A 147 -23.33 3.61 -7.25
N LEU A 148 -23.14 2.33 -6.94
CA LEU A 148 -22.75 1.34 -7.94
C LEU A 148 -24.04 0.56 -8.15
N ARG A 149 -24.64 0.70 -9.32
CA ARG A 149 -25.91 0.05 -9.59
C ARG A 149 -25.95 -1.40 -9.16
N GLY A 150 -26.92 -1.71 -8.29
CA GLY A 150 -27.11 -3.07 -7.82
C GLY A 150 -26.07 -3.60 -6.87
N HIS A 151 -25.09 -2.78 -6.48
CA HIS A 151 -24.11 -3.27 -5.53
C HIS A 151 -24.18 -2.53 -4.21
N GLY A 152 -23.78 -1.26 -4.21
CA GLY A 152 -23.84 -0.50 -2.97
C GLY A 152 -23.43 0.93 -3.25
N ALA A 153 -22.76 1.55 -2.29
CA ALA A 153 -22.35 2.94 -2.44
C ALA A 153 -21.02 3.19 -1.74
N PHE A 154 -20.37 4.28 -2.14
CA PHE A 154 -19.10 4.70 -1.57
C PHE A 154 -19.25 6.16 -1.14
N ALA A 155 -18.70 6.51 0.02
CA ALA A 155 -18.77 7.88 0.51
C ALA A 155 -17.37 8.22 1.00
N VAL A 156 -16.92 9.45 0.72
CA VAL A 156 -15.58 9.86 1.11
C VAL A 156 -15.54 10.85 2.25
N GLY A 157 -14.49 10.77 3.05
CA GLY A 157 -14.28 11.69 4.15
C GLY A 157 -13.04 12.49 3.78
N LEU A 158 -13.02 13.80 4.08
CA LEU A 158 -11.89 14.63 3.70
C LEU A 158 -11.13 15.31 4.83
N LYS A 159 -11.65 15.24 6.05
CA LYS A 159 -10.99 15.85 7.19
C LYS A 159 -9.56 15.31 7.41
N GLU A 160 -8.72 16.13 8.02
CA GLU A 160 -7.32 15.77 8.27
C GLU A 160 -7.10 14.59 9.22
N ALA A 161 -7.82 14.56 10.34
CA ALA A 161 -7.67 13.47 11.29
C ALA A 161 -8.35 12.22 10.72
N PRO A 162 -7.62 11.10 10.64
CA PRO A 162 -8.21 9.87 10.11
C PRO A 162 -9.53 9.45 10.77
N GLU A 163 -9.60 9.52 12.09
CA GLU A 163 -10.83 9.13 12.77
C GLU A 163 -12.00 10.04 12.41
N GLU A 164 -11.70 11.33 12.22
CA GLU A 164 -12.73 12.31 11.87
C GLU A 164 -13.16 12.14 10.42
N ALA A 165 -12.22 11.77 9.57
CA ALA A 165 -12.51 11.56 8.16
C ALA A 165 -13.42 10.35 8.04
N LEU A 166 -13.12 9.31 8.83
CA LEU A 166 -13.93 8.10 8.79
C LEU A 166 -15.35 8.38 9.29
N LEU A 167 -15.47 9.12 10.38
CA LEU A 167 -16.79 9.45 10.93
C LEU A 167 -17.55 10.33 9.95
N GLU A 168 -16.82 11.16 9.21
CA GLU A 168 -17.43 12.02 8.22
C GLU A 168 -18.00 11.17 7.09
N ALA A 169 -17.21 10.21 6.62
CA ALA A 169 -17.62 9.30 5.54
C ALA A 169 -18.86 8.51 5.97
N TYR A 170 -18.80 7.99 7.20
CA TYR A 170 -19.91 7.23 7.76
C TYR A 170 -21.16 8.09 7.75
N GLY A 171 -21.03 9.35 8.17
CA GLY A 171 -22.15 10.27 8.20
C GLY A 171 -22.77 10.49 6.84
N LEU A 172 -21.93 10.57 5.81
CA LEU A 172 -22.43 10.76 4.46
C LEU A 172 -23.18 9.52 4.01
N MET A 173 -22.70 8.36 4.43
CA MET A 173 -23.35 7.11 4.04
C MET A 173 -24.74 7.04 4.67
N THR A 174 -24.87 7.42 5.93
CA THR A 174 -26.17 7.38 6.59
C THR A 174 -27.09 8.42 5.98
N THR A 175 -26.53 9.58 5.63
CA THR A 175 -27.31 10.65 5.00
C THR A 175 -27.85 10.15 3.66
N LEU A 176 -27.02 9.40 2.94
CA LEU A 176 -27.43 8.85 1.64
C LEU A 176 -28.63 7.92 1.76
N GLU A 177 -28.60 6.96 2.70
CA GLU A 177 -29.74 6.05 2.80
C GLU A 177 -30.98 6.77 3.32
N GLU A 178 -30.79 7.73 4.23
CA GLU A 178 -31.93 8.51 4.74
C GLU A 178 -32.57 9.30 3.59
N SER A 179 -31.74 9.89 2.74
CA SER A 179 -32.24 10.65 1.60
C SER A 179 -32.97 9.71 0.61
N ALA A 180 -32.45 8.51 0.42
CA ALA A 180 -33.07 7.53 -0.48
C ALA A 180 -34.43 7.10 0.07
N GLN A 181 -34.49 6.84 1.38
CA GLN A 181 -35.75 6.45 2.01
C GLN A 181 -36.76 7.59 1.90
N ILE A 182 -36.32 8.82 2.16
CA ILE A 182 -37.23 9.96 2.03
C ILE A 182 -37.78 10.05 0.60
N LEU A 183 -36.91 9.83 -0.38
CA LEU A 183 -37.33 9.85 -1.78
C LEU A 183 -38.41 8.78 -2.02
N LEU A 184 -38.16 7.58 -1.53
CA LEU A 184 -39.10 6.48 -1.69
C LEU A 184 -40.43 6.79 -1.00
N TYR A 185 -40.38 7.17 0.26
CA TYR A 185 -41.61 7.48 1.01
C TYR A 185 -42.39 8.59 0.31
N HIS A 186 -41.69 9.63 -0.10
CA HIS A 186 -42.33 10.75 -0.79
C HIS A 186 -43.07 10.26 -2.04
N ARG A 187 -42.42 9.38 -2.80
CA ARG A 187 -43.01 8.85 -4.03
C ARG A 187 -44.19 7.90 -3.78
N LEU A 188 -44.08 7.03 -2.78
CA LEU A 188 -45.16 6.10 -2.47
C LEU A 188 -46.41 6.82 -1.96
N TRP A 189 -46.21 7.85 -1.13
CA TRP A 189 -47.35 8.64 -0.61
C TRP A 189 -48.08 9.29 -1.79
N GLN A 190 -47.31 9.90 -2.68
CA GLN A 190 -47.88 10.56 -3.85
C GLN A 190 -48.57 9.55 -4.76
N GLY A 191 -47.95 8.39 -4.93
CA GLY A 191 -48.51 7.36 -5.79
C GLY A 191 -49.80 6.75 -5.29
N ALA A 192 -50.00 6.77 -3.97
CA ALA A 192 -51.20 6.20 -3.38
C ALA A 192 -52.37 7.18 -3.35
N GLY A 193 -52.15 8.38 -3.86
CA GLY A 193 -53.20 9.39 -3.90
C GLY A 193 -53.73 9.56 -5.32
N PRO A 194 -54.75 10.41 -5.54
CA PRO A 194 -55.45 11.22 -4.54
C PRO A 194 -56.25 10.33 -3.60
N ALA A 195 -56.49 10.81 -2.40
CA ALA A 195 -57.25 10.05 -1.42
C ALA A 195 -58.11 10.97 -0.56
N LEU A 196 -59.16 11.53 -1.13
CA LEU A 196 -60.06 12.43 -0.41
C LEU A 196 -61.11 11.61 0.35
N ARG B 2 31.10 -10.44 17.20
CA ARG B 2 31.10 -9.02 16.73
C ARG B 2 32.18 -8.76 15.69
N ALA B 3 33.42 -9.16 15.98
CA ALA B 3 34.53 -8.95 15.06
C ALA B 3 34.19 -9.49 13.67
N ARG B 4 33.79 -10.76 13.62
CA ARG B 4 33.43 -11.39 12.35
C ARG B 4 32.28 -10.66 11.67
N LEU B 5 31.27 -10.28 12.45
CA LEU B 5 30.12 -9.59 11.88
C LEU B 5 30.54 -8.25 11.28
N TYR B 6 31.37 -7.50 11.99
CA TYR B 6 31.84 -6.22 11.47
C TYR B 6 32.58 -6.50 10.17
N ALA B 7 33.31 -7.61 10.15
CA ALA B 7 34.07 -8.00 8.98
C ALA B 7 33.12 -8.20 7.80
N ALA B 8 31.98 -8.82 8.04
CA ALA B 8 31.00 -9.05 6.98
C ALA B 8 30.51 -7.70 6.45
N PHE B 9 30.22 -6.76 7.35
CA PHE B 9 29.76 -5.43 6.92
C PHE B 9 30.88 -4.75 6.11
N ARG B 10 32.09 -4.77 6.64
CA ARG B 10 33.21 -4.13 5.96
C ARG B 10 33.40 -4.72 4.55
N GLN B 11 33.35 -6.05 4.48
CA GLN B 11 33.53 -6.76 3.22
C GLN B 11 32.45 -6.40 2.21
N VAL B 12 31.20 -6.43 2.65
CA VAL B 12 30.08 -6.12 1.76
C VAL B 12 30.20 -4.70 1.24
N GLY B 13 30.54 -3.77 2.14
CA GLY B 13 30.73 -2.41 1.70
C GLY B 13 31.86 -2.34 0.68
N GLU B 14 32.99 -2.98 0.98
CA GLU B 14 34.11 -2.95 0.03
C GLU B 14 33.79 -3.56 -1.33
N ASP B 15 33.11 -4.70 -1.32
CA ASP B 15 32.77 -5.37 -2.57
C ASP B 15 31.68 -4.65 -3.37
N LEU B 16 30.71 -4.06 -2.67
CA LEU B 16 29.64 -3.32 -3.35
C LEU B 16 30.25 -2.11 -4.06
N PHE B 17 31.16 -1.42 -3.37
CA PHE B 17 31.82 -0.27 -3.95
C PHE B 17 32.68 -0.70 -5.14
N ALA B 18 33.53 -1.69 -4.93
CA ALA B 18 34.42 -2.19 -5.97
C ALA B 18 33.70 -2.52 -7.27
N GLN B 19 32.49 -3.07 -7.14
CA GLN B 19 31.71 -3.47 -8.31
C GLN B 19 30.81 -2.35 -8.83
N GLY B 20 30.93 -1.18 -8.23
CA GLY B 20 30.14 -0.05 -8.69
C GLY B 20 28.67 -0.05 -8.30
N LEU B 21 28.29 -0.85 -7.31
CA LEU B 21 26.89 -0.90 -6.87
C LEU B 21 26.59 0.24 -5.90
N ILE B 22 27.65 0.79 -5.32
CA ILE B 22 27.50 1.93 -4.43
C ILE B 22 28.76 2.76 -4.58
N SER B 23 28.67 4.02 -4.19
CA SER B 23 29.80 4.94 -4.26
C SER B 23 29.58 6.02 -3.22
N ALA B 24 30.56 6.47 -2.73
CA ALA B 24 30.39 7.53 -1.73
C ALA B 24 29.57 7.12 -0.50
N THR B 25 28.58 7.77 -0.31
CA THR B 25 27.70 7.39 0.80
C THR B 25 26.37 6.73 0.42
N ALA B 26 26.19 6.44 -0.86
CA ALA B 26 24.95 5.82 -1.31
C ALA B 26 24.84 4.39 -0.83
N GLY B 27 23.61 3.98 -0.52
CA GLY B 27 23.38 2.63 -0.05
C GLY B 27 23.47 2.47 1.46
N ASN B 28 23.03 1.31 1.93
CA ASN B 28 23.06 0.99 3.36
C ASN B 28 22.70 -0.48 3.54
N PHE B 29 23.13 -1.08 4.64
CA PHE B 29 22.79 -2.47 4.86
C PHE B 29 22.68 -2.77 6.34
N SER B 30 21.99 -3.87 6.66
CA SER B 30 21.78 -4.23 8.04
C SER B 30 21.55 -5.72 8.21
N VAL B 31 21.56 -6.14 9.48
CA VAL B 31 21.32 -7.51 9.84
C VAL B 31 20.38 -7.49 11.05
N ARG B 32 19.51 -8.48 11.13
CA ARG B 32 18.57 -8.62 12.25
C ARG B 32 19.40 -9.03 13.47
N THR B 33 19.14 -8.38 14.60
CA THR B 33 19.86 -8.72 15.84
C THR B 33 18.85 -9.08 16.91
N LYS B 34 19.33 -9.56 18.05
CA LYS B 34 18.42 -9.92 19.13
C LYS B 34 17.55 -8.73 19.48
N GLY B 35 18.15 -7.56 19.64
CA GLY B 35 17.38 -6.38 20.00
C GLY B 35 16.62 -5.65 18.91
N GLY B 36 16.97 -5.91 17.65
CA GLY B 36 16.30 -5.26 16.54
C GLY B 36 17.15 -5.49 15.32
N PHE B 37 17.85 -4.46 14.85
CA PHE B 37 18.74 -4.59 13.71
C PHE B 37 19.94 -3.65 13.82
N LEU B 38 21.05 -4.07 13.24
CA LEU B 38 22.28 -3.30 13.25
C LEU B 38 22.41 -2.74 11.84
N ILE B 39 22.47 -1.42 11.71
CA ILE B 39 22.55 -0.81 10.39
C ILE B 39 23.68 0.22 10.26
N THR B 40 24.09 0.50 9.03
CA THR B 40 25.14 1.48 8.80
C THR B 40 24.59 2.86 9.14
N LYS B 41 25.46 3.74 9.66
CA LYS B 41 25.06 5.09 10.00
C LYS B 41 24.94 5.91 8.72
N SER B 42 24.22 7.02 8.81
CA SER B 42 24.00 7.89 7.68
C SER B 42 25.24 8.68 7.25
N GLY B 43 25.39 8.83 5.93
CA GLY B 43 26.50 9.60 5.39
C GLY B 43 27.92 9.10 5.56
N VAL B 44 28.11 7.86 5.98
CA VAL B 44 29.46 7.33 6.14
C VAL B 44 29.91 6.66 4.84
N GLN B 45 31.21 6.46 4.70
CA GLN B 45 31.75 5.81 3.50
C GLN B 45 31.61 4.31 3.69
N LYS B 46 30.63 3.70 3.01
CA LYS B 46 30.39 2.27 3.15
C LYS B 46 31.56 1.38 2.72
N ALA B 47 32.34 1.83 1.75
CA ALA B 47 33.48 1.06 1.27
C ALA B 47 34.62 1.02 2.29
N ARG B 48 34.55 1.88 3.29
CA ARG B 48 35.61 1.93 4.31
C ARG B 48 35.04 2.02 5.72
N LEU B 49 34.09 1.14 6.04
CA LEU B 49 33.43 1.11 7.35
C LEU B 49 34.29 0.74 8.55
N THR B 50 33.95 1.33 9.69
CA THR B 50 34.62 1.06 10.96
C THR B 50 33.48 0.63 11.89
N PRO B 51 33.79 -0.10 12.97
CA PRO B 51 32.74 -0.54 13.90
C PRO B 51 31.86 0.58 14.42
N GLU B 52 32.45 1.77 14.58
CA GLU B 52 31.69 2.91 15.08
C GLU B 52 30.72 3.46 14.03
N ASP B 53 30.78 2.92 12.82
CA ASP B 53 29.89 3.35 11.74
C ASP B 53 28.58 2.57 11.75
N LEU B 54 28.44 1.67 12.71
CA LEU B 54 27.23 0.85 12.80
C LEU B 54 26.47 1.14 14.10
N LEU B 55 25.15 1.09 14.03
CA LEU B 55 24.36 1.32 15.23
C LEU B 55 23.14 0.42 15.28
N GLU B 56 22.78 -0.01 16.49
CA GLU B 56 21.63 -0.88 16.66
C GLU B 56 20.37 -0.03 16.80
N VAL B 57 19.31 -0.44 16.11
CA VAL B 57 18.03 0.25 16.12
C VAL B 57 16.95 -0.71 16.60
N PRO B 58 16.06 -0.25 17.51
CA PRO B 58 15.01 -1.15 17.97
C PRO B 58 13.88 -1.23 16.95
N LEU B 59 13.13 -2.33 16.95
CA LEU B 59 12.02 -2.46 16.02
C LEU B 59 10.87 -1.58 16.50
N GLU B 60 10.98 -1.07 17.72
CA GLU B 60 9.96 -0.22 18.31
C GLU B 60 10.51 1.10 18.84
N GLY B 61 9.80 2.18 18.56
CA GLY B 61 10.22 3.48 19.06
C GLY B 61 11.00 4.38 18.14
N PRO B 62 11.38 5.57 18.62
CA PRO B 62 12.15 6.53 17.82
C PRO B 62 13.42 5.91 17.28
N ILE B 63 13.82 6.35 16.09
CA ILE B 63 15.03 5.83 15.47
C ILE B 63 16.23 6.65 15.93
N PRO B 64 17.26 5.98 16.49
CA PRO B 64 18.44 6.67 16.96
C PRO B 64 18.97 7.67 15.92
N GLU B 65 19.39 8.84 16.38
CA GLU B 65 19.92 9.84 15.48
C GLU B 65 21.22 9.29 14.92
N GLY B 66 21.53 9.63 13.67
CA GLY B 66 22.75 9.15 13.06
C GLY B 66 22.58 7.88 12.25
N ALA B 67 21.44 7.22 12.38
CA ALA B 67 21.19 6.00 11.62
C ALA B 67 20.87 6.32 10.17
N SER B 68 21.05 5.35 9.29
CA SER B 68 20.76 5.52 7.88
C SER B 68 19.36 6.11 7.71
N VAL B 69 19.20 7.00 6.72
CA VAL B 69 17.89 7.60 6.47
C VAL B 69 16.86 6.56 6.06
N GLU B 70 17.32 5.38 5.63
CA GLU B 70 16.43 4.31 5.21
C GLU B 70 16.08 3.36 6.35
N SER B 71 16.50 3.70 7.56
CA SER B 71 16.21 2.84 8.70
C SER B 71 14.71 2.54 8.81
N VAL B 72 13.87 3.53 8.54
CA VAL B 72 12.43 3.31 8.64
C VAL B 72 12.02 2.18 7.71
N VAL B 73 12.68 2.07 6.56
CA VAL B 73 12.38 1.01 5.60
C VAL B 73 12.88 -0.34 6.10
N HIS B 74 14.12 -0.38 6.57
CA HIS B 74 14.68 -1.61 7.10
C HIS B 74 13.81 -2.10 8.25
N ARG B 75 13.45 -1.19 9.14
CA ARG B 75 12.64 -1.57 10.29
C ARG B 75 11.33 -2.22 9.87
N GLU B 76 10.65 -1.62 8.91
CA GLU B 76 9.38 -2.19 8.46
C GLU B 76 9.58 -3.58 7.84
N VAL B 77 10.68 -3.78 7.13
CA VAL B 77 10.93 -5.07 6.51
C VAL B 77 11.14 -6.17 7.57
N TYR B 78 11.86 -5.84 8.63
CA TYR B 78 12.11 -6.83 9.68
C TYR B 78 10.81 -7.11 10.44
N ARG B 79 9.99 -6.08 10.58
CA ARG B 79 8.71 -6.22 11.27
C ARG B 79 7.75 -7.13 10.51
N ARG B 80 7.63 -6.90 9.21
CA ARG B 80 6.70 -7.65 8.36
C ARG B 80 7.19 -8.92 7.67
N THR B 81 8.49 -9.11 7.57
CA THR B 81 9.01 -10.30 6.91
C THR B 81 9.96 -11.04 7.85
N GLY B 82 10.42 -12.20 7.40
CA GLY B 82 11.35 -12.98 8.18
C GLY B 82 12.77 -12.69 7.74
N ALA B 83 12.99 -11.52 7.11
CA ALA B 83 14.32 -11.15 6.66
C ALA B 83 15.32 -11.17 7.80
N ARG B 84 16.53 -11.66 7.52
CA ARG B 84 17.59 -11.73 8.52
C ARG B 84 18.67 -10.69 8.21
N ALA B 85 18.65 -10.16 6.99
CA ALA B 85 19.60 -9.14 6.58
C ALA B 85 19.02 -8.42 5.38
N LEU B 86 19.41 -7.17 5.20
CA LEU B 86 18.89 -6.38 4.10
C LEU B 86 19.98 -5.49 3.50
N VAL B 87 20.07 -5.46 2.17
CA VAL B 87 21.06 -4.63 1.49
C VAL B 87 20.34 -3.69 0.54
N HIS B 88 20.61 -2.40 0.67
CA HIS B 88 20.03 -1.41 -0.23
C HIS B 88 21.21 -0.86 -1.04
N ALA B 89 21.08 -0.89 -2.36
CA ALA B 89 22.15 -0.39 -3.21
C ALA B 89 21.56 0.33 -4.40
N HIS B 90 22.44 0.75 -5.31
CA HIS B 90 21.99 1.48 -6.46
C HIS B 90 22.55 0.93 -7.76
N PRO B 91 22.17 -0.30 -8.11
CA PRO B 91 22.65 -0.92 -9.36
C PRO B 91 22.24 -0.02 -10.51
N ARG B 92 23.23 0.57 -11.18
CA ARG B 92 23.00 1.51 -12.27
C ARG B 92 22.15 1.01 -13.43
N VAL B 93 22.49 -0.15 -14.00
CA VAL B 93 21.70 -0.66 -15.12
C VAL B 93 20.30 -1.06 -14.68
N ALA B 94 20.19 -1.71 -13.53
CA ALA B 94 18.88 -2.11 -13.02
C ALA B 94 18.02 -0.85 -12.81
N VAL B 95 18.62 0.22 -12.31
CA VAL B 95 17.87 1.44 -12.08
C VAL B 95 17.42 2.04 -13.40
N ALA B 96 18.31 2.03 -14.39
CA ALA B 96 17.94 2.58 -15.69
C ALA B 96 16.78 1.76 -16.23
N LEU B 97 16.87 0.44 -16.13
CA LEU B 97 15.79 -0.42 -16.62
C LEU B 97 14.50 -0.25 -15.81
N SER B 98 14.61 0.19 -14.57
CA SER B 98 13.43 0.33 -13.73
C SER B 98 12.44 1.37 -14.28
N PHE B 99 12.90 2.30 -15.10
CA PHE B 99 12.00 3.31 -15.67
C PHE B 99 11.17 2.68 -16.78
N HIS B 100 11.67 1.60 -17.35
CA HIS B 100 11.03 0.92 -18.47
C HIS B 100 10.26 -0.35 -18.15
N LEU B 101 10.45 -0.93 -16.97
CA LEU B 101 9.78 -2.18 -16.65
C LEU B 101 8.92 -2.10 -15.39
N SER B 102 7.93 -2.99 -15.31
CA SER B 102 7.07 -3.07 -14.13
C SER B 102 7.66 -4.20 -13.30
N ARG B 103 8.49 -5.03 -13.94
CA ARG B 103 9.16 -6.12 -13.24
C ARG B 103 10.37 -6.56 -14.07
N LEU B 104 11.45 -6.94 -13.38
CA LEU B 104 12.66 -7.40 -14.06
C LEU B 104 12.74 -8.91 -13.99
N ARG B 105 12.71 -9.56 -15.15
CA ARG B 105 12.79 -11.03 -15.22
C ARG B 105 14.10 -11.40 -15.89
N PRO B 106 15.05 -11.94 -15.11
CA PRO B 106 16.37 -12.34 -15.60
C PRO B 106 16.32 -13.40 -16.69
N LEU B 107 17.24 -13.30 -17.64
CA LEU B 107 17.33 -14.26 -18.73
C LEU B 107 18.30 -15.35 -18.31
N ASP B 108 19.21 -15.01 -17.41
CA ASP B 108 20.24 -15.95 -16.97
C ASP B 108 19.81 -16.89 -15.84
N LEU B 109 20.40 -18.07 -15.82
CA LEU B 109 20.08 -19.07 -14.81
C LEU B 109 20.24 -18.61 -13.37
N GLU B 110 21.39 -18.00 -13.06
CA GLU B 110 21.63 -17.53 -11.70
C GLU B 110 20.53 -16.60 -11.24
N GLY B 111 20.21 -15.62 -12.08
CA GLY B 111 19.17 -14.67 -11.74
C GLY B 111 17.78 -15.30 -11.63
N GLN B 112 17.46 -16.23 -12.53
CA GLN B 112 16.15 -16.86 -12.47
C GLN B 112 16.02 -17.69 -11.20
N HIS B 113 17.09 -18.38 -10.84
CA HIS B 113 17.08 -19.22 -9.66
C HIS B 113 17.03 -18.47 -8.34
N TYR B 114 17.87 -17.44 -8.22
CA TYR B 114 17.93 -16.68 -6.97
C TYR B 114 16.93 -15.53 -6.83
N LEU B 115 16.65 -14.85 -7.93
CA LEU B 115 15.72 -13.72 -7.89
C LEU B 115 14.33 -14.07 -8.38
N LYS B 116 14.26 -14.89 -9.43
CA LYS B 116 13.01 -15.30 -10.05
C LYS B 116 12.44 -14.12 -10.82
N GLU B 117 11.93 -13.13 -10.11
CA GLU B 117 11.43 -11.93 -10.75
C GLU B 117 11.51 -10.82 -9.73
N VAL B 118 11.94 -9.65 -10.19
CA VAL B 118 12.11 -8.49 -9.35
C VAL B 118 11.07 -7.41 -9.64
N PRO B 119 10.14 -7.18 -8.69
CA PRO B 119 9.13 -6.15 -8.96
C PRO B 119 9.72 -4.75 -8.90
N VAL B 120 9.17 -3.86 -9.72
CA VAL B 120 9.58 -2.48 -9.73
C VAL B 120 8.46 -1.68 -9.07
N LEU B 121 8.78 -1.02 -7.97
CA LEU B 121 7.82 -0.23 -7.20
C LEU B 121 7.98 1.26 -7.49
N ALA B 122 6.86 1.97 -7.62
CA ALA B 122 6.91 3.40 -7.87
C ALA B 122 6.01 4.20 -6.92
N PRO B 123 6.26 4.10 -5.60
CA PRO B 123 5.43 4.86 -4.66
C PRO B 123 5.76 6.35 -4.79
N LYS B 124 4.83 7.22 -4.41
CA LYS B 124 5.06 8.68 -4.50
C LYS B 124 6.44 9.05 -3.96
N THR B 125 6.76 8.53 -2.78
CA THR B 125 8.07 8.78 -2.18
C THR B 125 8.76 7.42 -2.16
N VAL B 126 10.05 7.38 -2.43
CA VAL B 126 10.78 6.11 -2.48
C VAL B 126 11.87 6.02 -1.43
N SER B 127 12.12 7.11 -0.73
CA SER B 127 13.18 7.13 0.26
C SER B 127 12.82 7.74 1.60
N ALA B 128 13.25 7.07 2.67
CA ALA B 128 13.05 7.52 4.04
C ALA B 128 11.64 7.97 4.43
N THR B 129 10.63 7.19 4.06
CA THR B 129 9.25 7.52 4.41
C THR B 129 8.54 6.23 4.78
N GLU B 130 7.45 6.36 5.53
CA GLU B 130 6.70 5.17 5.91
C GLU B 130 6.05 4.64 4.64
N GLU B 131 5.82 5.53 3.69
CA GLU B 131 5.21 5.13 2.44
C GLU B 131 6.16 4.18 1.71
N ALA B 132 7.41 4.58 1.59
CA ALA B 132 8.41 3.74 0.94
C ALA B 132 8.55 2.44 1.72
N ALA B 133 8.62 2.57 3.04
CA ALA B 133 8.77 1.43 3.93
C ALA B 133 7.70 0.37 3.76
N LEU B 134 6.45 0.80 3.70
CA LEU B 134 5.35 -0.15 3.56
C LEU B 134 5.38 -0.85 2.22
N SER B 135 5.66 -0.09 1.16
CA SER B 135 5.72 -0.64 -0.19
C SER B 135 6.84 -1.70 -0.28
N VAL B 136 8.04 -1.34 0.18
CA VAL B 136 9.16 -2.26 0.16
C VAL B 136 8.90 -3.48 1.03
N ALA B 137 8.44 -3.27 2.25
CA ALA B 137 8.18 -4.39 3.15
C ALA B 137 7.18 -5.41 2.58
N GLU B 138 6.09 -4.94 1.99
CA GLU B 138 5.11 -5.87 1.42
C GLU B 138 5.65 -6.59 0.19
N ALA B 139 6.46 -5.92 -0.61
CA ALA B 139 7.03 -6.56 -1.78
C ALA B 139 7.99 -7.67 -1.35
N LEU B 140 8.82 -7.39 -0.35
CA LEU B 140 9.79 -8.39 0.10
C LEU B 140 9.16 -9.52 0.91
N ARG B 141 7.84 -9.47 1.10
CA ARG B 141 7.18 -10.56 1.81
C ARG B 141 7.11 -11.72 0.83
N GLU B 142 6.98 -11.39 -0.45
CA GLU B 142 6.87 -12.42 -1.49
C GLU B 142 8.03 -12.50 -2.48
N HIS B 143 8.96 -11.55 -2.41
CA HIS B 143 10.12 -11.54 -3.32
C HIS B 143 11.39 -11.35 -2.51
N ARG B 144 12.50 -11.87 -3.03
CA ARG B 144 13.79 -11.73 -2.34
C ARG B 144 14.43 -10.38 -2.61
N ALA B 145 14.00 -9.71 -3.68
CA ALA B 145 14.53 -8.39 -4.02
C ALA B 145 13.47 -7.55 -4.70
N CYS B 146 13.65 -6.24 -4.66
CA CYS B 146 12.70 -5.35 -5.32
C CYS B 146 13.40 -4.07 -5.75
N LEU B 147 12.88 -3.46 -6.81
CA LEU B 147 13.44 -2.22 -7.32
C LEU B 147 12.49 -1.06 -7.03
N LEU B 148 13.06 0.08 -6.66
CA LEU B 148 12.29 1.29 -6.41
C LEU B 148 12.59 2.15 -7.63
N ARG B 149 11.60 2.37 -8.47
CA ARG B 149 11.82 3.13 -9.69
C ARG B 149 12.64 4.42 -9.56
N GLY B 150 13.76 4.44 -10.26
CA GLY B 150 14.63 5.61 -10.24
C GLY B 150 15.45 5.82 -9.00
N HIS B 151 15.34 4.92 -8.04
CA HIS B 151 16.08 5.08 -6.80
C HIS B 151 17.17 4.04 -6.62
N GLY B 152 16.76 2.79 -6.44
CA GLY B 152 17.73 1.72 -6.24
C GLY B 152 17.00 0.42 -6.01
N ALA B 153 17.60 -0.47 -5.22
CA ALA B 153 17.01 -1.76 -4.94
C ALA B 153 17.29 -2.28 -3.53
N PHE B 154 16.45 -3.21 -3.08
CA PHE B 154 16.61 -3.86 -1.76
C PHE B 154 16.70 -5.36 -2.02
N ALA B 155 17.56 -6.05 -1.26
CA ALA B 155 17.72 -7.49 -1.40
C ALA B 155 17.77 -8.08 0.02
N VAL B 156 17.08 -9.20 0.20
CA VAL B 156 16.96 -9.86 1.50
C VAL B 156 17.78 -11.12 1.68
N GLY B 157 18.31 -11.29 2.89
CA GLY B 157 19.08 -12.47 3.25
C GLY B 157 18.24 -13.22 4.27
N LEU B 158 18.19 -14.55 4.21
CA LEU B 158 17.37 -15.30 5.16
C LEU B 158 18.11 -16.27 6.07
N LYS B 159 19.38 -16.52 5.79
CA LYS B 159 20.17 -17.45 6.60
C LYS B 159 20.18 -17.10 8.09
N GLU B 160 20.32 -18.13 8.92
CA GLU B 160 20.33 -17.98 10.38
C GLU B 160 21.45 -17.08 10.90
N ALA B 161 22.68 -17.37 10.50
CA ALA B 161 23.83 -16.58 10.94
C ALA B 161 23.78 -15.20 10.28
N PRO B 162 23.84 -14.12 11.09
CA PRO B 162 23.79 -12.75 10.56
C PRO B 162 24.83 -12.47 9.48
N GLU B 163 26.06 -12.94 9.69
CA GLU B 163 27.12 -12.72 8.71
C GLU B 163 26.76 -13.39 7.40
N GLU B 164 26.21 -14.60 7.49
CA GLU B 164 25.85 -15.33 6.29
C GLU B 164 24.63 -14.72 5.61
N ALA B 165 23.70 -14.21 6.39
CA ALA B 165 22.51 -13.58 5.82
C ALA B 165 22.91 -12.31 5.08
N LEU B 166 23.88 -11.58 5.64
CA LEU B 166 24.32 -10.35 5.00
C LEU B 166 25.04 -10.67 3.69
N LEU B 167 25.89 -11.69 3.70
CA LEU B 167 26.62 -12.06 2.49
C LEU B 167 25.63 -12.59 1.46
N GLU B 168 24.53 -13.17 1.94
CA GLU B 168 23.49 -13.69 1.07
C GLU B 168 22.76 -12.52 0.37
N ALA B 169 22.40 -11.49 1.14
CA ALA B 169 21.72 -10.33 0.57
C ALA B 169 22.66 -9.63 -0.41
N TYR B 170 23.93 -9.55 -0.04
CA TYR B 170 24.92 -8.94 -0.91
C TYR B 170 25.00 -9.68 -2.25
N GLY B 171 24.98 -11.01 -2.19
CA GLY B 171 25.04 -11.81 -3.40
C GLY B 171 23.85 -11.62 -4.30
N LEU B 172 22.67 -11.48 -3.69
CA LEU B 172 21.45 -11.27 -4.46
C LEU B 172 21.50 -9.91 -5.14
N MET B 173 22.10 -8.93 -4.48
CA MET B 173 22.20 -7.60 -5.06
C MET B 173 23.12 -7.63 -6.28
N THR B 174 24.26 -8.30 -6.16
CA THR B 174 25.19 -8.38 -7.28
C THR B 174 24.56 -9.19 -8.42
N THR B 175 23.77 -10.21 -8.05
CA THR B 175 23.09 -11.03 -9.06
C THR B 175 22.07 -10.16 -9.81
N LEU B 176 21.40 -9.26 -9.10
CA LEU B 176 20.41 -8.37 -9.72
C LEU B 176 21.06 -7.47 -10.77
N GLU B 177 22.15 -6.80 -10.41
CA GLU B 177 22.79 -5.90 -11.37
C GLU B 177 23.35 -6.72 -12.53
N GLU B 178 23.89 -7.90 -12.25
CA GLU B 178 24.42 -8.73 -13.33
C GLU B 178 23.28 -9.14 -14.28
N SER B 179 22.13 -9.50 -13.72
CA SER B 179 21.00 -9.90 -14.56
C SER B 179 20.52 -8.70 -15.37
N ALA B 180 20.52 -7.51 -14.77
CA ALA B 180 20.10 -6.30 -15.49
C ALA B 180 21.07 -6.03 -16.63
N GLN B 181 22.37 -6.18 -16.37
CA GLN B 181 23.37 -5.94 -17.41
C GLN B 181 23.20 -6.93 -18.56
N ILE B 182 22.98 -8.20 -18.23
CA ILE B 182 22.76 -9.22 -19.26
C ILE B 182 21.52 -8.89 -20.10
N LEU B 183 20.45 -8.46 -19.45
CA LEU B 183 19.24 -8.06 -20.17
C LEU B 183 19.54 -6.91 -21.15
N LEU B 184 20.31 -5.93 -20.69
CA LEU B 184 20.66 -4.79 -21.55
C LEU B 184 21.53 -5.21 -22.72
N TYR B 185 22.59 -5.96 -22.45
CA TYR B 185 23.49 -6.40 -23.52
C TYR B 185 22.75 -7.24 -24.54
N HIS B 186 21.85 -8.10 -24.05
CA HIS B 186 21.07 -8.98 -24.91
C HIS B 186 20.20 -8.13 -25.85
N ARG B 187 19.55 -7.12 -25.28
CA ARG B 187 18.69 -6.23 -26.07
C ARG B 187 19.48 -5.37 -27.06
N LEU B 188 20.61 -4.83 -26.63
CA LEU B 188 21.41 -3.98 -27.54
C LEU B 188 21.96 -4.76 -28.72
N TRP B 189 22.40 -5.99 -28.46
CA TRP B 189 22.94 -6.84 -29.52
C TRP B 189 21.84 -7.11 -30.54
N GLN B 190 20.67 -7.46 -30.05
CA GLN B 190 19.52 -7.74 -30.91
C GLN B 190 19.10 -6.50 -31.68
N GLY B 191 19.08 -5.35 -31.01
CA GLY B 191 18.69 -4.11 -31.66
C GLY B 191 19.65 -3.63 -32.73
N ALA B 192 20.91 -4.03 -32.62
CA ALA B 192 21.93 -3.63 -33.59
C ALA B 192 21.93 -4.52 -34.83
N GLY B 193 21.09 -5.54 -34.84
CA GLY B 193 21.02 -6.42 -36.00
C GLY B 193 19.78 -6.12 -36.83
N PRO B 194 19.52 -6.87 -37.91
CA PRO B 194 20.38 -7.98 -38.34
C PRO B 194 21.71 -7.46 -38.89
N ALA B 195 22.75 -8.26 -38.67
CA ALA B 195 24.11 -7.95 -39.10
C ALA B 195 24.99 -9.11 -38.65
S SO4 C . -15.06 -7.84 2.20
O1 SO4 C . -14.59 -6.41 2.44
O2 SO4 C . -13.95 -8.57 1.48
O3 SO4 C . -15.21 -8.47 3.46
O4 SO4 C . -16.10 -7.71 1.24
CL CL D . -47.06 1.26 -2.51
S SO4 E . 22.28 6.92 4.21
O1 SO4 E . 22.15 5.44 4.54
O2 SO4 E . 23.77 7.21 4.19
O3 SO4 E . 21.80 7.09 2.88
O4 SO4 E . 21.76 7.62 5.35
CL CL F . 6.88 10.04 6.66
CL CL G . 27.39 -0.11 -23.51
CL CL H . 22.88 0.79 -29.17
#